data_2ZI3
#
_entry.id   2ZI3
#
_cell.length_a   52.440
_cell.length_b   133.290
_cell.length_c   156.730
_cell.angle_alpha   90.00
_cell.angle_beta   90.00
_cell.angle_gamma   90.00
#
_symmetry.space_group_name_H-M   'C 2 2 21'
#
loop_
_entity.id
_entity.type
_entity.pdbx_description
1 polymer 'Deoxycytidine kinase'
2 non-polymer "ADENOSINE-5'-DIPHOSPHATE"
3 non-polymer (2R,3S,5R)-5-(6-amino-9H-purin-9-yl)-tetrahydro-2-(hydroxymethyl)furan-3-ol
4 water water
#
_entity_poly.entity_id   1
_entity_poly.type   'polypeptide(L)'
_entity_poly.pdbx_seq_one_letter_code
;MGSSHHHHHHSGLVPRGSHMATPPKRSSPSFSASSEGTRIKKISIEGNIAAGKSTFVNILKQLSEDWEVVPEPVARWSNV
QSTQDEFEELTMSQKNGGNVLQMMYEKPERWSFTFQTYACLSRIRAQLASLNGKLKDAEKPVLFFERSVYSDRYIFASNL
YESESMNETEWTIYQDWHDWMNNQFGQSLELDGIIYLQATPETCLHRIYLRGRNEEQGIPLEYLEKLHYKHESWLLHRTL
KTNFDYLQEVPILTLDVNEDFKDKYASLVEKVKEFLSTL
;
_entity_poly.pdbx_strand_id   A,B
#
loop_
_chem_comp.id
_chem_comp.type
_chem_comp.name
_chem_comp.formula
3D1 non-polymer (2R,3S,5R)-5-(6-amino-9H-purin-9-yl)-tetrahydro-2-(hydroxymethyl)furan-3-ol 'C10 H13 N5 O3'
ADP non-polymer ADENOSINE-5'-DIPHOSPHATE 'C10 H15 N5 O10 P2'
#
# COMPACT_ATOMS: atom_id res chain seq x y z
N ARG A 39 -10.88 22.40 -10.05
CA ARG A 39 -12.31 22.56 -10.51
C ARG A 39 -12.77 21.45 -11.46
N ILE A 40 -12.08 20.31 -11.45
CA ILE A 40 -12.55 19.16 -12.23
C ILE A 40 -13.63 18.46 -11.41
N LYS A 41 -14.83 18.34 -11.96
CA LYS A 41 -15.85 17.48 -11.37
C LYS A 41 -15.44 16.01 -11.53
N LYS A 42 -15.48 15.26 -10.43
CA LYS A 42 -15.20 13.82 -10.49
C LYS A 42 -16.49 13.01 -10.41
N ILE A 43 -16.69 12.16 -11.40
CA ILE A 43 -17.86 11.33 -11.49
C ILE A 43 -17.36 9.91 -11.49
N SER A 44 -17.71 9.18 -10.43
CA SER A 44 -17.44 7.76 -10.36
C SER A 44 -18.50 6.97 -11.08
N ILE A 45 -18.08 5.93 -11.78
CA ILE A 45 -19.02 5.09 -12.53
C ILE A 45 -18.98 3.71 -11.90
N GLU A 46 -20.14 3.32 -11.36
CA GLU A 46 -20.29 2.12 -10.56
C GLU A 46 -21.27 1.14 -11.21
N GLY A 47 -21.27 -0.09 -10.74
CA GLY A 47 -22.06 -1.16 -11.32
C GLY A 47 -21.34 -2.49 -11.19
N ASN A 48 -22.09 -3.57 -11.29
CA ASN A 48 -21.52 -4.88 -11.16
C ASN A 48 -20.51 -5.24 -12.28
N ILE A 49 -19.96 -6.45 -12.25
CA ILE A 49 -18.99 -6.89 -13.25
C ILE A 49 -19.70 -7.14 -14.56
N ALA A 50 -19.24 -6.43 -15.59
CA ALA A 50 -19.77 -6.61 -16.94
C ALA A 50 -21.14 -5.92 -17.06
N ALA A 51 -21.40 -5.01 -16.12
CA ALA A 51 -22.53 -4.12 -16.19
C ALA A 51 -22.48 -3.35 -17.49
N GLY A 52 -21.25 -3.08 -17.99
CA GLY A 52 -21.04 -2.36 -19.22
C GLY A 52 -20.48 -0.98 -18.99
N LYS A 53 -19.80 -0.77 -17.87
CA LYS A 53 -19.25 0.53 -17.53
C LYS A 53 -18.18 0.99 -18.51
N SER A 54 -17.25 0.11 -18.86
CA SER A 54 -16.20 0.47 -19.79
C SER A 54 -16.80 0.95 -21.11
N THR A 55 -17.71 0.17 -21.68
CA THR A 55 -18.44 0.54 -22.90
C THR A 55 -19.16 1.92 -22.90
N PHE A 56 -19.92 2.21 -21.84
CA PHE A 56 -20.81 3.33 -21.85
C PHE A 56 -20.01 4.62 -21.74
N VAL A 57 -19.08 4.64 -20.81
CA VAL A 57 -18.31 5.81 -20.49
C VAL A 57 -17.20 6.10 -21.53
N ASN A 58 -16.72 5.09 -22.23
CA ASN A 58 -15.74 5.36 -23.28
C ASN A 58 -16.39 5.85 -24.56
N ILE A 59 -17.66 5.48 -24.73
CA ILE A 59 -18.52 6.09 -25.77
C ILE A 59 -19.03 7.47 -25.36
N LEU A 60 -19.60 7.55 -24.16
CA LEU A 60 -20.05 8.80 -23.56
C LEU A 60 -19.01 9.91 -23.59
N LYS A 61 -17.73 9.58 -23.43
CA LYS A 61 -16.70 10.64 -23.40
C LYS A 61 -16.49 11.39 -24.74
N GLN A 62 -16.96 10.82 -25.86
CA GLN A 62 -16.81 11.52 -27.15
C GLN A 62 -17.71 12.76 -27.26
N LEU A 63 -18.73 12.88 -26.41
CA LEU A 63 -19.63 14.03 -26.48
C LEU A 63 -18.90 15.35 -26.18
N SER A 64 -17.83 15.28 -25.41
CA SER A 64 -17.14 16.50 -24.99
C SER A 64 -15.65 16.25 -24.90
N GLU A 65 -14.87 17.28 -25.24
CA GLU A 65 -13.41 17.25 -25.11
C GLU A 65 -13.02 17.55 -23.67
N ASP A 66 -14.00 18.12 -22.94
CA ASP A 66 -13.86 18.48 -21.53
C ASP A 66 -14.10 17.27 -20.65
N TRP A 67 -14.40 16.14 -21.29
CA TRP A 67 -14.62 14.89 -20.59
C TRP A 67 -13.49 13.93 -20.84
N GLU A 68 -12.96 13.35 -19.76
CA GLU A 68 -12.03 12.24 -19.84
C GLU A 68 -12.31 11.17 -18.79
N VAL A 69 -11.79 9.98 -19.08
CA VAL A 69 -12.10 8.76 -18.36
C VAL A 69 -10.83 8.12 -17.82
N VAL A 70 -10.90 7.63 -16.58
CA VAL A 70 -9.82 6.86 -15.97
C VAL A 70 -10.19 5.37 -15.93
N PRO A 71 -9.59 4.58 -16.82
CA PRO A 71 -9.89 3.16 -16.92
C PRO A 71 -9.65 2.48 -15.60
N GLU A 72 -10.49 1.50 -15.27
CA GLU A 72 -10.09 0.58 -14.23
C GLU A 72 -8.82 -0.12 -14.76
N PRO A 73 -7.78 -0.26 -13.91
CA PRO A 73 -6.45 -0.76 -14.31
C PRO A 73 -6.40 -2.27 -14.31
N VAL A 74 -7.51 -2.87 -14.70
CA VAL A 74 -7.63 -4.33 -14.69
C VAL A 74 -6.42 -4.99 -15.39
N ALA A 75 -5.97 -4.45 -16.51
CA ALA A 75 -4.84 -5.03 -17.26
C ALA A 75 -3.57 -5.12 -16.43
N ARG A 76 -3.37 -4.18 -15.52
CA ARG A 76 -2.26 -4.27 -14.57
C ARG A 76 -2.44 -5.42 -13.59
N TRP A 77 -3.69 -5.73 -13.24
CA TRP A 77 -3.93 -6.81 -12.28
C TRP A 77 -3.74 -8.21 -12.88
N SER A 78 -3.97 -8.35 -14.18
CA SER A 78 -3.83 -9.66 -14.81
C SER A 78 -2.44 -9.83 -15.44
N ASN A 79 -1.64 -8.77 -15.42
CA ASN A 79 -0.23 -8.86 -15.77
C ASN A 79 0.58 -7.94 -14.89
N VAL A 80 1.04 -8.51 -13.80
CA VAL A 80 1.61 -7.73 -12.74
C VAL A 80 3.09 -7.43 -13.04
N GLN A 81 3.46 -6.16 -12.95
CA GLN A 81 4.81 -5.68 -13.20
C GLN A 81 5.09 -4.55 -12.26
N SER A 82 6.33 -4.50 -11.78
CA SER A 82 6.86 -3.30 -11.12
C SER A 82 7.85 -2.57 -12.05
N THR A 83 8.26 -1.36 -11.66
CA THR A 83 9.16 -0.54 -12.46
C THR A 83 10.55 -1.11 -12.61
N GLN A 84 11.15 -0.90 -13.79
CA GLN A 84 12.47 -1.40 -14.11
C GLN A 84 13.53 -0.36 -13.82
N ASP A 85 14.68 -0.83 -13.37
CA ASP A 85 15.93 -0.06 -13.24
C ASP A 85 16.20 0.75 -14.53
N GLU A 86 16.75 1.96 -14.39
CA GLU A 86 17.07 2.82 -15.53
C GLU A 86 18.04 2.17 -16.53
N PHE A 87 18.93 1.31 -16.03
CA PHE A 87 19.85 0.58 -16.91
C PHE A 87 19.24 -0.75 -17.35
N GLU A 88 18.68 -1.52 -16.41
CA GLU A 88 18.16 -2.88 -16.70
C GLU A 88 17.19 -2.90 -17.90
N GLU A 89 16.37 -1.86 -18.02
CA GLU A 89 15.37 -1.78 -19.08
C GLU A 89 15.90 -1.58 -20.51
N LEU A 90 17.18 -1.25 -20.67
CA LEU A 90 17.72 -1.05 -22.03
C LEU A 90 18.12 -2.39 -22.59
N THR A 91 18.34 -3.35 -21.70
CA THR A 91 18.72 -4.71 -22.12
C THR A 91 17.67 -5.74 -21.75
N MET A 92 16.94 -5.50 -20.67
CA MET A 92 15.91 -6.43 -20.26
C MET A 92 14.51 -5.98 -20.63
N SER A 93 13.76 -6.93 -21.18
CA SER A 93 12.35 -6.77 -21.46
C SER A 93 11.59 -6.65 -20.13
N GLN A 94 10.42 -6.00 -20.19
CA GLN A 94 9.48 -6.02 -19.07
C GLN A 94 8.73 -7.35 -19.16
N LYS A 95 9.18 -8.28 -18.32
CA LYS A 95 8.62 -9.63 -18.23
C LYS A 95 7.11 -9.61 -17.92
N ASN A 96 6.36 -10.51 -18.57
CA ASN A 96 4.93 -10.71 -18.26
C ASN A 96 4.74 -11.34 -16.87
N GLY A 97 4.20 -10.57 -15.95
CA GLY A 97 4.00 -11.05 -14.59
C GLY A 97 2.89 -12.06 -14.41
N GLY A 98 2.65 -12.43 -13.16
CA GLY A 98 1.49 -13.22 -12.78
C GLY A 98 0.17 -12.48 -12.94
N ASN A 99 -0.91 -13.24 -12.82
CA ASN A 99 -2.28 -12.78 -12.94
C ASN A 99 -2.82 -12.85 -11.51
N VAL A 100 -2.76 -11.76 -10.78
CA VAL A 100 -3.28 -11.77 -9.43
C VAL A 100 -4.84 -11.72 -9.40
N LEU A 101 -5.43 -11.53 -10.57
CA LEU A 101 -6.88 -11.57 -10.76
C LEU A 101 -7.36 -13.00 -10.89
N GLN A 102 -6.55 -13.86 -11.53
CA GLN A 102 -6.88 -15.27 -11.69
C GLN A 102 -6.69 -15.97 -10.37
N MET A 103 -5.55 -15.68 -9.75
CA MET A 103 -5.14 -16.19 -8.46
C MET A 103 -6.21 -15.99 -7.40
N MET A 104 -6.75 -14.78 -7.34
CA MET A 104 -7.81 -14.47 -6.41
C MET A 104 -9.07 -15.28 -6.67
N TYR A 105 -9.41 -15.48 -7.94
CA TYR A 105 -10.57 -16.27 -8.28
C TYR A 105 -10.34 -17.73 -7.92
N GLU A 106 -9.13 -18.24 -8.21
CA GLU A 106 -8.81 -19.65 -7.99
C GLU A 106 -8.71 -20.01 -6.51
N LYS A 107 -8.19 -19.10 -5.69
CA LYS A 107 -8.13 -19.32 -4.23
C LYS A 107 -8.34 -18.05 -3.40
N PRO A 108 -9.58 -17.58 -3.33
CA PRO A 108 -9.93 -16.34 -2.60
C PRO A 108 -9.54 -16.27 -1.12
N GLU A 109 -9.42 -17.39 -0.41
CA GLU A 109 -9.03 -17.35 1.02
C GLU A 109 -7.53 -17.14 1.24
N ARG A 110 -6.76 -17.46 0.21
CA ARG A 110 -5.37 -17.10 0.13
C ARG A 110 -5.13 -15.68 -0.41
N TRP A 111 -5.75 -15.34 -1.55
CA TRP A 111 -5.32 -14.19 -2.35
C TRP A 111 -6.20 -12.96 -2.36
N SER A 112 -7.27 -12.94 -1.58
CA SER A 112 -8.16 -11.77 -1.54
C SER A 112 -7.55 -10.51 -0.94
N PHE A 113 -6.88 -10.64 0.20
CA PHE A 113 -6.20 -9.51 0.82
C PHE A 113 -5.17 -8.91 -0.14
N THR A 114 -4.31 -9.74 -0.73
CA THR A 114 -3.23 -9.27 -1.63
C THR A 114 -3.87 -8.59 -2.83
N PHE A 115 -4.92 -9.21 -3.37
CA PHE A 115 -5.64 -8.56 -4.46
C PHE A 115 -6.16 -7.18 -4.09
N GLN A 116 -6.95 -7.09 -3.02
CA GLN A 116 -7.63 -5.82 -2.70
C GLN A 116 -6.64 -4.68 -2.49
N THR A 117 -5.53 -5.03 -1.90
CA THR A 117 -4.48 -4.10 -1.57
C THR A 117 -3.88 -3.54 -2.87
N TYR A 118 -3.53 -4.39 -3.82
CA TYR A 118 -2.96 -3.94 -5.08
C TYR A 118 -3.99 -3.25 -6.00
N ALA A 119 -5.22 -3.78 -5.98
CA ALA A 119 -6.31 -3.25 -6.80
C ALA A 119 -6.59 -1.81 -6.40
N CYS A 120 -6.62 -1.58 -5.11
CA CYS A 120 -6.81 -0.23 -4.63
C CYS A 120 -5.61 0.72 -4.85
N LEU A 121 -4.39 0.29 -4.54
CA LEU A 121 -3.16 1.04 -4.83
C LEU A 121 -3.09 1.49 -6.30
N SER A 122 -3.26 0.56 -7.23
CA SER A 122 -3.17 0.86 -8.67
C SER A 122 -4.25 1.82 -9.13
N ARG A 123 -5.43 1.72 -8.51
CA ARG A 123 -6.57 2.56 -8.82
C ARG A 123 -6.26 3.99 -8.43
N ILE A 124 -5.88 4.19 -7.17
CA ILE A 124 -5.59 5.49 -6.62
C ILE A 124 -4.54 6.16 -7.50
N ARG A 125 -3.50 5.37 -7.80
CA ARG A 125 -2.33 5.87 -8.49
C ARG A 125 -2.70 6.44 -9.83
N ALA A 126 -3.54 5.73 -10.57
CA ALA A 126 -4.07 6.17 -11.86
C ALA A 126 -5.03 7.33 -11.74
N GLN A 127 -5.86 7.32 -10.72
CA GLN A 127 -6.85 8.40 -10.56
C GLN A 127 -6.08 9.71 -10.30
N LEU A 128 -5.21 9.71 -9.29
CA LEU A 128 -4.34 10.86 -9.00
C LEU A 128 -3.49 11.30 -10.17
N ALA A 129 -2.94 10.36 -10.93
CA ALA A 129 -2.11 10.77 -12.05
C ALA A 129 -2.91 11.53 -13.10
N SER A 130 -4.11 11.08 -13.43
CA SER A 130 -4.99 11.79 -14.35
C SER A 130 -5.61 13.06 -13.74
N LEU A 131 -5.72 13.12 -12.42
CA LEU A 131 -6.17 14.36 -11.78
C LEU A 131 -5.16 15.49 -11.95
N ASN A 132 -3.88 15.15 -11.88
N ASN A 132 -3.88 15.13 -11.88
CA ASN A 132 -2.79 16.11 -12.06
CA ASN A 132 -2.78 16.05 -12.03
C ASN A 132 -2.43 16.29 -13.52
C ASN A 132 -2.34 16.20 -13.49
N GLY A 133 -2.91 15.39 -14.37
CA GLY A 133 -2.45 15.33 -15.77
C GLY A 133 -3.30 15.96 -16.86
N LYS A 134 -4.55 15.56 -16.95
CA LYS A 134 -5.40 15.99 -18.05
C LYS A 134 -6.27 17.21 -17.76
N LEU A 135 -6.87 17.73 -18.83
CA LEU A 135 -7.85 18.83 -18.81
C LEU A 135 -7.27 20.19 -18.38
N LYS A 136 -6.11 20.53 -18.97
CA LYS A 136 -5.55 21.87 -18.82
C LYS A 136 -6.48 22.86 -19.50
N ASP A 137 -6.35 22.97 -20.82
CA ASP A 137 -7.22 23.81 -21.66
C ASP A 137 -8.62 23.24 -21.81
N ALA A 138 -9.33 23.09 -20.68
CA ALA A 138 -10.69 22.56 -20.64
C ALA A 138 -11.63 23.51 -19.90
N GLU A 139 -12.82 23.72 -20.46
CA GLU A 139 -13.70 24.79 -19.99
C GLU A 139 -14.60 24.33 -18.84
N LYS A 140 -15.29 23.21 -19.04
CA LYS A 140 -16.03 22.54 -17.98
C LYS A 140 -15.62 21.04 -17.88
N PRO A 141 -14.42 20.77 -17.32
CA PRO A 141 -13.87 19.43 -17.20
C PRO A 141 -14.63 18.46 -16.29
N VAL A 142 -14.89 17.28 -16.83
CA VAL A 142 -15.43 16.16 -16.06
C VAL A 142 -14.53 14.95 -16.25
N LEU A 143 -14.01 14.45 -15.13
CA LEU A 143 -13.19 13.26 -15.10
C LEU A 143 -13.99 12.08 -14.55
N PHE A 144 -14.31 11.13 -15.43
CA PHE A 144 -15.11 9.99 -15.07
C PHE A 144 -14.24 8.85 -14.63
N PHE A 145 -14.42 8.44 -13.37
CA PHE A 145 -13.70 7.32 -12.80
C PHE A 145 -14.44 5.99 -13.09
N GLU A 146 -13.68 4.94 -13.42
CA GLU A 146 -14.22 3.58 -13.51
C GLU A 146 -14.09 2.93 -12.13
N ARG A 147 -15.22 2.84 -11.44
CA ARG A 147 -15.28 2.44 -10.04
C ARG A 147 -14.55 3.43 -9.17
N SER A 148 -14.57 3.20 -7.86
CA SER A 148 -13.91 4.07 -6.90
C SER A 148 -13.23 3.25 -5.83
N VAL A 149 -12.44 3.92 -5.02
CA VAL A 149 -11.81 3.35 -3.86
C VAL A 149 -12.84 2.86 -2.84
N TYR A 150 -14.04 3.44 -2.90
CA TYR A 150 -15.14 3.05 -2.07
C TYR A 150 -15.81 1.76 -2.56
N SER A 151 -15.89 1.56 -3.88
CA SER A 151 -16.32 0.28 -4.40
C SER A 151 -15.43 -0.80 -3.81
N ASP A 152 -14.11 -0.63 -3.94
CA ASP A 152 -13.15 -1.71 -3.60
C ASP A 152 -13.26 -2.11 -2.16
N ARG A 153 -13.56 -1.14 -1.30
CA ARG A 153 -13.66 -1.41 0.12
C ARG A 153 -15.04 -1.93 0.51
N TYR A 154 -16.08 -1.16 0.16
CA TYR A 154 -17.45 -1.35 0.66
C TYR A 154 -18.28 -2.36 -0.08
N ILE A 155 -17.81 -2.74 -1.27
CA ILE A 155 -18.52 -3.65 -2.14
C ILE A 155 -17.71 -4.93 -2.28
N PHE A 156 -16.47 -4.81 -2.79
CA PHE A 156 -15.65 -5.99 -3.13
C PHE A 156 -14.96 -6.62 -1.95
N ALA A 157 -14.13 -5.87 -1.24
CA ALA A 157 -13.48 -6.36 -0.04
C ALA A 157 -14.44 -6.72 1.07
N SER A 158 -15.47 -5.89 1.26
CA SER A 158 -16.51 -6.12 2.27
C SER A 158 -17.08 -7.50 2.06
N ASN A 159 -17.26 -7.86 0.80
CA ASN A 159 -17.85 -9.17 0.46
C ASN A 159 -16.93 -10.37 0.74
N LEU A 160 -15.65 -10.22 0.42
CA LEU A 160 -14.67 -11.29 0.68
C LEU A 160 -14.45 -11.49 2.14
N TYR A 161 -14.58 -10.45 2.92
CA TYR A 161 -14.64 -10.59 4.35
C TYR A 161 -15.87 -11.43 4.68
N GLU A 162 -17.05 -10.90 4.39
CA GLU A 162 -18.30 -11.56 4.72
C GLU A 162 -18.34 -13.03 4.27
N SER A 163 -17.83 -13.34 3.06
CA SER A 163 -17.70 -14.72 2.53
C SER A 163 -16.60 -15.56 3.17
N GLU A 164 -15.86 -14.97 4.10
CA GLU A 164 -14.78 -15.66 4.85
C GLU A 164 -13.51 -15.95 4.02
N SER A 165 -13.38 -15.26 2.89
CA SER A 165 -12.13 -15.23 2.11
C SER A 165 -10.99 -14.34 2.72
N MET A 166 -11.34 -13.48 3.68
CA MET A 166 -10.40 -12.67 4.44
C MET A 166 -10.75 -12.81 5.91
N ASN A 167 -9.79 -13.18 6.74
CA ASN A 167 -10.00 -13.23 8.18
C ASN A 167 -10.00 -11.81 8.75
N GLU A 168 -10.18 -11.70 10.08
CA GLU A 168 -10.28 -10.40 10.81
C GLU A 168 -9.03 -9.58 10.78
N THR A 169 -7.88 -10.25 10.79
CA THR A 169 -6.60 -9.58 10.77
C THR A 169 -6.45 -8.90 9.40
N GLU A 170 -6.55 -9.70 8.34
CA GLU A 170 -6.55 -9.18 6.97
C GLU A 170 -7.56 -8.06 6.82
N TRP A 171 -8.79 -8.30 7.26
CA TRP A 171 -9.85 -7.28 7.16
C TRP A 171 -9.50 -6.02 7.92
N THR A 172 -8.90 -6.16 9.10
CA THR A 172 -8.47 -5.00 9.92
C THR A 172 -7.24 -4.27 9.38
N ILE A 173 -6.21 -5.03 8.98
CA ILE A 173 -5.05 -4.43 8.26
C ILE A 173 -5.54 -3.61 7.07
N TYR A 174 -6.36 -4.21 6.21
CA TYR A 174 -6.90 -3.54 4.99
C TYR A 174 -7.64 -2.24 5.27
N GLN A 175 -8.59 -2.24 6.19
CA GLN A 175 -9.37 -1.03 6.54
C GLN A 175 -8.50 0.07 7.12
N ASP A 176 -7.43 -0.33 7.79
CA ASP A 176 -6.49 0.60 8.40
C ASP A 176 -5.74 1.33 7.30
N TRP A 177 -5.30 0.59 6.27
CA TRP A 177 -4.61 1.13 5.09
C TRP A 177 -5.51 2.02 4.27
N HIS A 178 -6.64 1.48 3.84
CA HIS A 178 -7.65 2.27 3.15
C HIS A 178 -7.91 3.64 3.81
N ASP A 179 -8.29 3.63 5.10
CA ASP A 179 -8.55 4.87 5.85
C ASP A 179 -7.41 5.87 5.83
N TRP A 180 -6.21 5.40 6.13
CA TRP A 180 -5.00 6.21 6.02
C TRP A 180 -4.88 6.81 4.63
N MET A 181 -4.80 5.95 3.61
CA MET A 181 -4.74 6.41 2.22
C MET A 181 -5.79 7.46 1.91
N ASN A 182 -6.93 7.38 2.59
CA ASN A 182 -8.02 8.33 2.36
C ASN A 182 -7.86 9.67 3.06
N ASN A 183 -7.08 9.68 4.13
CA ASN A 183 -6.79 10.92 4.86
C ASN A 183 -5.60 11.67 4.26
N GLN A 184 -4.98 11.08 3.25
CA GLN A 184 -3.94 11.75 2.52
C GLN A 184 -4.54 12.23 1.21
N PHE A 185 -4.53 11.33 0.23
CA PHE A 185 -4.84 11.64 -1.16
C PHE A 185 -6.31 11.90 -1.40
N GLY A 186 -7.16 11.41 -0.50
CA GLY A 186 -8.55 11.86 -0.43
C GLY A 186 -8.61 13.36 -0.19
N GLN A 187 -9.82 13.91 -0.23
CA GLN A 187 -10.03 15.34 -0.46
C GLN A 187 -9.73 15.63 -1.94
N SER A 188 -8.50 15.37 -2.38
CA SER A 188 -8.14 15.41 -3.79
C SER A 188 -8.97 14.45 -4.65
N LEU A 189 -9.54 13.40 -4.05
CA LEU A 189 -10.27 12.36 -4.78
C LEU A 189 -11.80 12.39 -4.65
N GLU A 190 -12.31 13.20 -3.71
CA GLU A 190 -13.76 13.31 -3.46
C GLU A 190 -14.60 13.42 -4.72
N LEU A 191 -15.68 12.66 -4.76
CA LEU A 191 -16.58 12.64 -5.90
C LEU A 191 -17.58 13.76 -5.78
N ASP A 192 -18.02 14.24 -6.94
CA ASP A 192 -19.05 15.24 -7.05
C ASP A 192 -20.36 14.55 -7.44
N GLY A 193 -20.27 13.25 -7.77
CA GLY A 193 -21.44 12.46 -8.24
C GLY A 193 -21.10 11.00 -8.50
N ILE A 194 -22.11 10.17 -8.62
CA ILE A 194 -21.93 8.74 -8.93
C ILE A 194 -22.99 8.42 -9.98
N ILE A 195 -22.60 7.68 -11.00
CA ILE A 195 -23.59 7.19 -11.96
C ILE A 195 -23.54 5.73 -11.72
N TYR A 196 -24.71 5.13 -11.51
CA TYR A 196 -24.80 3.73 -11.15
C TYR A 196 -25.45 2.98 -12.28
N LEU A 197 -24.67 2.14 -13.00
CA LEU A 197 -25.27 1.42 -14.11
C LEU A 197 -25.83 0.13 -13.61
N GLN A 198 -27.16 0.03 -13.60
CA GLN A 198 -27.81 -1.05 -12.93
C GLN A 198 -28.17 -2.18 -13.88
N ALA A 199 -27.52 -3.34 -13.70
CA ALA A 199 -27.95 -4.58 -14.38
C ALA A 199 -28.19 -5.78 -13.45
N THR A 200 -29.11 -6.64 -13.86
CA THR A 200 -29.47 -7.83 -13.14
C THR A 200 -28.28 -8.79 -13.11
N PRO A 201 -28.13 -9.54 -11.99
CA PRO A 201 -27.05 -10.52 -11.94
C PRO A 201 -26.96 -11.35 -13.26
N GLU A 202 -28.11 -11.67 -13.84
CA GLU A 202 -28.26 -12.51 -15.02
C GLU A 202 -27.68 -11.85 -16.29
N THR A 203 -27.84 -10.53 -16.38
CA THR A 203 -27.33 -9.73 -17.47
C THR A 203 -25.80 -9.70 -17.38
N CYS A 204 -25.29 -9.36 -16.20
CA CYS A 204 -23.89 -9.48 -15.87
C CYS A 204 -23.26 -10.82 -16.25
N LEU A 205 -23.80 -11.91 -15.72
CA LEU A 205 -23.33 -13.22 -16.13
C LEU A 205 -23.26 -13.40 -17.65
N HIS A 206 -24.32 -13.00 -18.37
CA HIS A 206 -24.38 -13.07 -19.83
C HIS A 206 -23.22 -12.30 -20.44
N ARG A 207 -23.09 -11.03 -20.04
CA ARG A 207 -22.07 -10.13 -20.52
C ARG A 207 -20.66 -10.55 -20.14
N ILE A 208 -20.53 -11.36 -19.11
CA ILE A 208 -19.25 -11.97 -18.77
C ILE A 208 -18.84 -13.00 -19.82
N TYR A 209 -19.82 -13.76 -20.30
CA TYR A 209 -19.55 -14.74 -21.32
C TYR A 209 -19.20 -14.02 -22.63
N LEU A 210 -20.03 -13.04 -23.00
CA LEU A 210 -19.76 -12.15 -24.13
C LEU A 210 -18.36 -11.56 -24.15
N ARG A 211 -17.92 -11.05 -23.02
CA ARG A 211 -16.65 -10.35 -22.98
C ARG A 211 -15.50 -11.33 -23.23
N GLY A 212 -15.63 -12.53 -22.65
CA GLY A 212 -14.68 -13.61 -22.82
C GLY A 212 -13.39 -13.51 -22.02
N ARG A 213 -13.43 -12.80 -20.90
CA ARG A 213 -12.25 -12.64 -20.07
C ARG A 213 -12.01 -13.95 -19.32
N ASN A 214 -10.84 -14.56 -19.57
CA ASN A 214 -10.56 -15.91 -19.11
C ASN A 214 -10.69 -16.11 -17.62
N GLU A 215 -10.18 -15.16 -16.85
CA GLU A 215 -10.13 -15.29 -15.39
C GLU A 215 -11.54 -15.35 -14.77
N GLU A 216 -12.47 -14.67 -15.38
CA GLU A 216 -13.82 -14.54 -14.84
C GLU A 216 -14.79 -15.61 -15.29
N GLN A 217 -14.34 -16.57 -16.10
CA GLN A 217 -15.30 -17.50 -16.74
C GLN A 217 -16.00 -18.48 -15.80
N GLY A 218 -15.46 -18.65 -14.58
CA GLY A 218 -16.07 -19.54 -13.58
C GLY A 218 -16.74 -18.88 -12.38
N ILE A 219 -17.01 -17.59 -12.48
CA ILE A 219 -17.76 -16.81 -11.51
C ILE A 219 -19.19 -17.28 -11.53
N PRO A 220 -19.73 -17.69 -10.37
CA PRO A 220 -21.11 -18.21 -10.39
C PRO A 220 -22.10 -17.06 -10.21
N LEU A 221 -23.36 -17.26 -10.59
CA LEU A 221 -24.43 -16.24 -10.45
C LEU A 221 -24.58 -15.69 -9.01
N GLU A 222 -24.29 -16.54 -8.03
CA GLU A 222 -24.35 -16.21 -6.61
C GLU A 222 -23.34 -15.12 -6.18
N TYR A 223 -22.14 -15.15 -6.76
CA TYR A 223 -21.18 -14.10 -6.51
C TYR A 223 -21.72 -12.77 -7.03
N LEU A 224 -22.21 -12.78 -8.28
CA LEU A 224 -22.77 -11.60 -8.90
C LEU A 224 -23.99 -11.07 -8.13
N GLU A 225 -24.76 -11.99 -7.56
CA GLU A 225 -25.93 -11.68 -6.72
C GLU A 225 -25.54 -10.88 -5.49
N LYS A 226 -24.45 -11.29 -4.84
CA LYS A 226 -23.99 -10.63 -3.63
C LYS A 226 -23.48 -9.20 -3.86
N LEU A 227 -22.81 -9.03 -4.99
CA LEU A 227 -22.28 -7.75 -5.38
C LEU A 227 -23.42 -6.84 -5.82
N HIS A 228 -24.39 -7.41 -6.51
CA HIS A 228 -25.60 -6.69 -6.92
C HIS A 228 -26.22 -6.14 -5.65
N TYR A 229 -26.48 -7.02 -4.68
CA TYR A 229 -27.03 -6.63 -3.36
C TYR A 229 -26.30 -5.48 -2.68
N LYS A 230 -24.97 -5.57 -2.63
CA LYS A 230 -24.09 -4.49 -2.05
C LYS A 230 -24.25 -3.13 -2.71
N HIS A 231 -24.41 -3.10 -4.04
CA HIS A 231 -24.55 -1.87 -4.80
C HIS A 231 -25.95 -1.27 -4.61
N GLU A 232 -26.96 -2.13 -4.59
CA GLU A 232 -28.32 -1.76 -4.18
C GLU A 232 -28.33 -1.01 -2.87
N SER A 233 -27.67 -1.55 -1.86
CA SER A 233 -27.68 -0.94 -0.53
C SER A 233 -26.91 0.37 -0.50
N TRP A 234 -25.88 0.44 -1.31
CA TRP A 234 -25.03 1.60 -1.32
C TRP A 234 -25.69 2.71 -2.11
N LEU A 235 -26.15 2.40 -3.31
CA LEU A 235 -26.40 3.42 -4.35
C LEU A 235 -27.89 3.63 -4.72
N LEU A 236 -28.73 2.63 -4.44
CA LEU A 236 -30.14 2.75 -4.76
C LEU A 236 -30.95 3.07 -3.48
N HIS A 237 -30.86 2.17 -2.49
CA HIS A 237 -31.46 2.36 -1.16
C HIS A 237 -30.64 3.31 -0.26
N ARG A 238 -29.33 3.42 -0.53
CA ARG A 238 -28.45 4.26 0.28
C ARG A 238 -28.52 3.98 1.79
N THR A 239 -28.49 2.70 2.16
CA THR A 239 -28.55 2.34 3.57
C THR A 239 -27.21 1.85 4.14
N LEU A 240 -26.24 1.62 3.25
CA LEU A 240 -24.97 1.06 3.65
C LEU A 240 -24.12 2.12 4.33
N LYS A 241 -23.60 1.75 5.51
CA LYS A 241 -22.97 2.67 6.46
C LYS A 241 -21.50 2.88 6.13
N THR A 242 -21.14 4.14 5.86
CA THR A 242 -19.78 4.49 5.40
C THR A 242 -18.97 5.31 6.42
N ASN A 243 -17.64 5.18 6.33
CA ASN A 243 -16.72 5.95 7.14
C ASN A 243 -16.40 7.33 6.54
N PHE A 244 -17.05 7.67 5.43
CA PHE A 244 -16.90 9.01 4.80
C PHE A 244 -18.24 9.71 4.61
N ASP A 245 -18.55 10.66 5.51
CA ASP A 245 -19.89 11.26 5.62
C ASP A 245 -20.45 11.92 4.37
N TYR A 246 -19.59 12.57 3.59
CA TYR A 246 -20.04 13.33 2.42
C TYR A 246 -20.81 12.46 1.43
N LEU A 247 -20.44 11.18 1.40
CA LEU A 247 -21.09 10.20 0.55
C LEU A 247 -22.60 10.19 0.72
N GLN A 248 -23.08 10.26 1.96
CA GLN A 248 -24.51 10.36 2.24
C GLN A 248 -25.18 11.48 1.44
N GLU A 249 -24.44 12.55 1.14
CA GLU A 249 -24.98 13.70 0.41
C GLU A 249 -24.75 13.69 -1.12
N VAL A 250 -23.64 13.09 -1.56
CA VAL A 250 -23.27 12.98 -2.99
C VAL A 250 -24.49 12.58 -3.85
N PRO A 251 -24.71 13.32 -4.97
CA PRO A 251 -25.74 12.97 -5.95
C PRO A 251 -25.45 11.67 -6.71
N ILE A 252 -26.51 10.90 -6.97
CA ILE A 252 -26.43 9.57 -7.59
C ILE A 252 -27.47 9.47 -8.71
N LEU A 253 -27.01 9.15 -9.92
CA LEU A 253 -27.89 8.97 -11.03
C LEU A 253 -27.89 7.48 -11.32
N THR A 254 -29.08 6.88 -11.32
CA THR A 254 -29.22 5.45 -11.56
C THR A 254 -29.74 5.19 -12.95
N LEU A 255 -29.02 4.39 -13.72
CA LEU A 255 -29.43 4.08 -15.10
C LEU A 255 -29.58 2.61 -15.31
N ASP A 256 -30.66 2.21 -15.98
CA ASP A 256 -30.90 0.78 -16.29
C ASP A 256 -30.26 0.42 -17.63
N VAL A 257 -29.22 -0.42 -17.57
CA VAL A 257 -28.46 -0.82 -18.76
C VAL A 257 -28.63 -2.29 -19.08
N ASN A 258 -29.73 -2.91 -18.63
CA ASN A 258 -30.06 -4.30 -19.00
C ASN A 258 -30.33 -4.49 -20.49
N GLU A 259 -30.81 -3.43 -21.13
CA GLU A 259 -31.16 -3.50 -22.53
C GLU A 259 -29.95 -3.56 -23.45
N ASP A 260 -30.18 -3.99 -24.68
CA ASP A 260 -29.19 -3.90 -25.75
C ASP A 260 -28.79 -2.44 -25.91
N PHE A 261 -27.51 -2.21 -26.16
CA PHE A 261 -26.90 -0.88 -26.02
C PHE A 261 -27.70 0.26 -26.67
N LYS A 262 -28.10 0.04 -27.93
CA LYS A 262 -28.77 1.05 -28.74
C LYS A 262 -30.24 1.38 -28.39
N ASP A 263 -30.91 0.51 -27.63
CA ASP A 263 -32.30 0.69 -27.24
C ASP A 263 -32.46 1.90 -26.32
N LYS A 264 -31.56 2.03 -25.33
CA LYS A 264 -31.70 3.02 -24.27
C LYS A 264 -30.67 4.14 -24.36
N TYR A 265 -29.77 4.06 -25.33
CA TYR A 265 -28.67 5.00 -25.42
C TYR A 265 -29.09 6.44 -25.45
N ALA A 266 -30.11 6.75 -26.24
CA ALA A 266 -30.62 8.11 -26.38
C ALA A 266 -31.00 8.64 -25.00
N SER A 267 -32.00 8.01 -24.38
CA SER A 267 -32.39 8.35 -22.99
C SER A 267 -31.25 8.38 -21.97
N LEU A 268 -30.33 7.42 -22.01
CA LEU A 268 -29.25 7.44 -21.00
C LEU A 268 -28.38 8.68 -21.11
N VAL A 269 -28.06 9.08 -22.33
CA VAL A 269 -27.25 10.30 -22.54
C VAL A 269 -28.00 11.57 -22.11
N GLU A 270 -29.28 11.67 -22.46
CA GLU A 270 -30.14 12.73 -21.94
C GLU A 270 -30.01 12.83 -20.42
N LYS A 271 -30.37 11.75 -19.73
CA LYS A 271 -30.33 11.69 -18.27
C LYS A 271 -29.00 12.15 -17.70
N VAL A 272 -27.91 11.61 -18.24
CA VAL A 272 -26.57 11.95 -17.79
C VAL A 272 -26.30 13.45 -17.90
N LYS A 273 -26.71 14.08 -18.99
CA LYS A 273 -26.37 15.48 -19.20
C LYS A 273 -27.19 16.37 -18.28
N GLU A 274 -28.49 16.06 -18.15
CA GLU A 274 -29.34 16.68 -17.13
C GLU A 274 -28.81 16.39 -15.72
N PHE A 275 -27.93 15.40 -15.58
CA PHE A 275 -27.31 15.11 -14.29
C PHE A 275 -26.06 15.96 -14.00
N LEU A 276 -25.23 16.21 -15.01
CA LEU A 276 -24.00 16.99 -14.81
C LEU A 276 -24.27 18.48 -14.58
N SER A 277 -25.40 18.95 -15.09
CA SER A 277 -25.83 20.33 -14.92
C SER A 277 -26.37 20.63 -13.51
N THR A 278 -26.95 19.63 -12.84
CA THR A 278 -27.38 19.78 -11.43
C THR A 278 -26.18 20.06 -10.55
N LEU A 279 -25.01 19.68 -11.06
CA LEU A 279 -23.73 19.94 -10.44
C LEU A 279 -23.11 21.22 -11.04
N ILE B 40 14.31 19.54 10.00
CA ILE B 40 14.45 18.33 10.87
C ILE B 40 15.41 17.33 10.26
N LYS B 41 16.49 17.01 10.98
CA LYS B 41 17.44 16.03 10.48
C LYS B 41 16.97 14.65 10.90
N LYS B 42 16.92 13.73 9.93
CA LYS B 42 16.36 12.39 10.13
C LYS B 42 17.46 11.37 10.11
N ILE B 43 17.58 10.61 11.20
CA ILE B 43 18.59 9.57 11.32
C ILE B 43 17.94 8.18 11.43
N SER B 44 18.37 7.23 10.59
CA SER B 44 17.78 5.89 10.72
C SER B 44 18.71 4.96 11.46
N ILE B 45 18.19 4.37 12.54
CA ILE B 45 18.96 3.45 13.34
C ILE B 45 18.74 2.03 12.83
N GLU B 46 19.82 1.43 12.33
CA GLU B 46 19.71 0.11 11.71
C GLU B 46 20.54 -0.92 12.47
N GLY B 47 20.18 -2.20 12.38
CA GLY B 47 20.87 -3.28 13.06
C GLY B 47 19.98 -4.50 13.01
N ASN B 48 20.58 -5.67 13.17
CA ASN B 48 19.85 -6.94 13.24
C ASN B 48 18.95 -7.12 14.52
N ILE B 49 18.10 -8.14 14.52
CA ILE B 49 17.09 -8.35 15.60
C ILE B 49 17.79 -8.50 16.93
N ALA B 50 17.32 -7.72 17.89
CA ALA B 50 17.84 -7.68 19.26
C ALA B 50 19.30 -7.25 19.39
N ALA B 51 19.81 -6.53 18.38
CA ALA B 51 21.13 -5.91 18.49
C ALA B 51 21.08 -4.89 19.61
N GLY B 52 19.90 -4.30 19.78
CA GLY B 52 19.71 -3.34 20.84
C GLY B 52 19.44 -1.93 20.36
N LYS B 53 18.67 -1.79 19.29
CA LYS B 53 18.36 -0.47 18.71
C LYS B 53 17.37 0.32 19.54
N SER B 54 16.37 -0.34 20.12
CA SER B 54 15.44 0.35 21.02
C SER B 54 16.14 0.77 22.31
N THR B 55 17.06 -0.06 22.77
CA THR B 55 17.79 0.25 23.99
C THR B 55 18.60 1.52 23.80
N PHE B 56 19.36 1.55 22.70
CA PHE B 56 20.31 2.60 22.38
C PHE B 56 19.63 3.91 22.11
N VAL B 57 18.61 3.88 21.26
CA VAL B 57 17.90 5.08 20.86
C VAL B 57 17.15 5.71 22.04
N ASN B 58 16.63 4.89 22.93
CA ASN B 58 15.97 5.40 24.12
C ASN B 58 16.96 6.15 25.00
N ILE B 59 18.21 5.71 24.97
CA ILE B 59 19.29 6.32 25.71
C ILE B 59 19.65 7.66 25.09
N LEU B 60 19.75 7.68 23.76
CA LEU B 60 20.05 8.91 23.03
C LEU B 60 19.03 10.02 23.16
N LYS B 61 17.75 9.68 23.19
CA LYS B 61 16.67 10.67 23.26
C LYS B 61 16.94 11.68 24.39
N GLN B 62 17.44 11.19 25.51
CA GLN B 62 17.63 11.99 26.72
C GLN B 62 18.75 13.03 26.64
N LEU B 63 19.73 12.81 25.77
CA LEU B 63 20.87 13.73 25.70
C LEU B 63 20.45 15.16 25.42
N SER B 64 19.46 15.31 24.55
CA SER B 64 19.04 16.64 24.11
C SER B 64 17.52 16.72 23.99
N GLU B 65 16.98 17.90 24.27
CA GLU B 65 15.54 18.17 24.12
C GLU B 65 15.14 18.33 22.65
N ASP B 66 16.13 18.64 21.82
CA ASP B 66 15.98 18.75 20.38
C ASP B 66 15.94 17.38 19.69
N TRP B 67 16.02 16.32 20.49
CA TRP B 67 16.10 14.95 19.94
C TRP B 67 14.83 14.14 20.24
N GLU B 68 14.16 13.69 19.19
CA GLU B 68 13.04 12.79 19.38
C GLU B 68 13.15 11.46 18.59
N VAL B 69 12.34 10.48 18.98
CA VAL B 69 12.45 9.12 18.45
C VAL B 69 11.13 8.57 17.89
N VAL B 70 11.24 7.84 16.78
CA VAL B 70 10.15 7.05 16.24
C VAL B 70 10.45 5.54 16.45
N PRO B 71 9.82 4.90 17.46
CA PRO B 71 9.98 3.46 17.69
C PRO B 71 9.33 2.61 16.60
N GLU B 72 9.77 1.35 16.49
CA GLU B 72 9.03 0.40 15.65
C GLU B 72 7.73 0.10 16.34
N PRO B 73 6.61 0.14 15.60
CA PRO B 73 5.29 -0.11 16.21
C PRO B 73 5.00 -1.60 16.54
N VAL B 74 5.89 -2.22 17.33
N VAL B 74 5.89 -2.23 17.33
CA VAL B 74 5.79 -3.65 17.68
CA VAL B 74 5.76 -3.65 17.64
C VAL B 74 4.52 -4.02 18.48
C VAL B 74 4.48 -4.00 18.42
N ALA B 75 4.01 -3.08 19.25
CA ALA B 75 2.72 -3.27 19.95
C ALA B 75 1.55 -3.21 18.97
N ARG B 76 1.64 -2.36 17.95
CA ARG B 76 0.62 -2.28 16.90
C ARG B 76 0.59 -3.58 16.11
N TRP B 77 1.76 -4.20 15.97
CA TRP B 77 1.94 -5.48 15.30
C TRP B 77 1.50 -6.71 16.12
N SER B 78 1.58 -6.60 17.45
CA SER B 78 1.27 -7.71 18.33
C SER B 78 -0.24 -7.87 18.53
N ASN B 79 -1.00 -6.87 18.11
CA ASN B 79 -2.43 -6.72 18.47
C ASN B 79 -3.02 -5.74 17.48
N VAL B 80 -3.60 -6.27 16.41
CA VAL B 80 -4.17 -5.46 15.32
C VAL B 80 -5.61 -5.02 15.62
N ASN B 99 -2.31 -10.72 15.95
CA ASN B 99 -0.85 -10.81 16.14
C ASN B 99 -0.13 -11.23 14.88
N VAL B 100 0.03 -10.29 13.95
CA VAL B 100 0.60 -10.57 12.65
C VAL B 100 2.08 -11.03 12.73
N LEU B 101 2.79 -10.59 13.76
CA LEU B 101 4.18 -11.01 13.99
C LEU B 101 4.35 -12.51 14.29
N GLN B 102 3.51 -13.04 15.18
CA GLN B 102 3.49 -14.47 15.46
C GLN B 102 3.06 -15.26 14.21
N MET B 103 2.03 -14.76 13.52
CA MET B 103 1.48 -15.38 12.32
C MET B 103 2.52 -15.63 11.22
N MET B 104 3.29 -14.59 10.89
CA MET B 104 4.31 -14.71 9.88
C MET B 104 5.47 -15.62 10.28
N TYR B 105 5.81 -15.63 11.56
CA TYR B 105 6.91 -16.43 12.09
C TYR B 105 6.53 -17.91 12.18
N GLU B 106 5.24 -18.16 12.40
CA GLU B 106 4.63 -19.50 12.32
C GLU B 106 4.42 -19.95 10.87
N LYS B 107 3.86 -19.07 10.05
CA LYS B 107 3.55 -19.38 8.65
C LYS B 107 4.12 -18.32 7.74
N PRO B 108 5.43 -18.38 7.44
CA PRO B 108 6.04 -17.30 6.64
C PRO B 108 5.58 -17.29 5.19
N GLU B 109 5.29 -18.47 4.61
CA GLU B 109 4.76 -18.56 3.24
C GLU B 109 3.34 -17.99 3.07
N ARG B 110 2.56 -17.99 4.15
CA ARG B 110 1.21 -17.44 4.11
C ARG B 110 1.20 -15.93 4.49
N TRP B 111 1.83 -15.55 5.61
CA TRP B 111 1.66 -14.19 6.17
C TRP B 111 2.77 -13.17 5.88
N SER B 112 3.78 -13.56 5.12
CA SER B 112 4.92 -12.68 4.85
C SER B 112 4.57 -11.37 4.18
N PHE B 113 3.87 -11.44 3.05
CA PHE B 113 3.49 -10.24 2.34
C PHE B 113 2.52 -9.40 3.20
N THR B 114 1.46 -10.01 3.75
CA THR B 114 0.56 -9.29 4.66
C THR B 114 1.34 -8.59 5.77
N PHE B 115 2.36 -9.24 6.31
CA PHE B 115 3.21 -8.56 7.29
C PHE B 115 3.98 -7.33 6.75
N GLN B 116 4.76 -7.51 5.69
CA GLN B 116 5.54 -6.39 5.07
C GLN B 116 4.71 -5.14 4.75
N THR B 117 3.54 -5.37 4.22
CA THR B 117 2.59 -4.31 3.98
C THR B 117 2.27 -3.63 5.29
N TYR B 118 1.75 -4.37 6.27
CA TYR B 118 1.40 -3.73 7.52
C TYR B 118 2.60 -3.06 8.18
N ALA B 119 3.70 -3.82 8.31
CA ALA B 119 4.95 -3.28 8.83
C ALA B 119 5.25 -1.93 8.23
N CYS B 120 5.49 -1.88 6.92
CA CYS B 120 5.96 -0.68 6.25
C CYS B 120 4.91 0.40 6.37
N LEU B 121 3.65 0.03 6.26
CA LEU B 121 2.61 1.00 6.38
C LEU B 121 2.61 1.66 7.75
N SER B 122 2.74 0.88 8.82
CA SER B 122 2.72 1.46 10.18
C SER B 122 3.95 2.30 10.47
N ARG B 123 5.09 1.89 9.90
CA ARG B 123 6.29 2.72 9.90
C ARG B 123 6.11 4.04 9.14
N ILE B 124 5.61 4.03 7.92
CA ILE B 124 5.38 5.33 7.23
C ILE B 124 4.46 6.22 8.07
N ARG B 125 3.31 5.70 8.48
CA ARG B 125 2.37 6.42 9.35
CA ARG B 125 2.39 6.43 9.33
C ARG B 125 3.07 7.10 10.53
N ALA B 126 3.87 6.33 11.29
CA ALA B 126 4.41 6.83 12.55
C ALA B 126 5.60 7.77 12.38
N GLN B 127 6.29 7.65 11.24
CA GLN B 127 7.42 8.53 10.90
C GLN B 127 6.87 9.90 10.48
N LEU B 128 5.87 9.87 9.62
CA LEU B 128 5.11 11.05 9.23
C LEU B 128 4.38 11.77 10.38
N ALA B 129 3.77 11.04 11.30
CA ALA B 129 3.09 11.66 12.47
C ALA B 129 4.03 12.51 13.32
N SER B 130 5.29 12.08 13.39
CA SER B 130 6.27 12.70 14.25
C SER B 130 6.97 13.89 13.60
N LEU B 131 6.86 14.05 12.28
CA LEU B 131 7.32 15.30 11.64
C LEU B 131 6.18 16.32 11.56
N ASN B 132 4.98 15.84 11.26
CA ASN B 132 3.75 16.67 11.15
C ASN B 132 3.34 17.34 12.47
N GLY B 133 4.01 16.95 13.56
CA GLY B 133 3.81 17.52 14.89
C GLY B 133 5.14 17.50 15.64
N LYS B 134 5.07 17.54 16.96
CA LYS B 134 6.27 17.50 17.83
C LYS B 134 7.09 18.80 17.84
N LEU B 135 8.40 18.62 18.06
CA LEU B 135 9.43 19.69 18.18
C LEU B 135 8.97 21.15 18.14
N ASP B 137 9.87 24.80 17.05
CA ASP B 137 10.66 25.84 17.70
C ASP B 137 11.97 25.30 18.25
N ALA B 138 12.18 24.00 18.07
CA ALA B 138 13.44 23.37 18.44
C ALA B 138 14.60 23.90 17.56
N GLU B 139 15.72 24.17 18.23
CA GLU B 139 16.92 24.77 17.64
C GLU B 139 17.51 23.96 16.46
N LYS B 140 18.14 22.82 16.78
CA LYS B 140 18.69 21.91 15.78
C LYS B 140 18.17 20.50 16.04
N PRO B 141 16.92 20.23 15.60
CA PRO B 141 16.20 19.03 15.91
C PRO B 141 16.67 17.83 15.13
N VAL B 142 16.77 16.70 15.82
CA VAL B 142 17.02 15.44 15.18
C VAL B 142 15.89 14.46 15.53
N LEU B 143 15.42 13.75 14.52
CA LEU B 143 14.45 12.66 14.69
C LEU B 143 15.16 11.36 14.32
N PHE B 144 15.29 10.45 15.28
CA PHE B 144 15.86 9.13 15.04
C PHE B 144 14.76 8.14 14.76
N PHE B 145 14.90 7.43 13.65
CA PHE B 145 13.96 6.37 13.27
C PHE B 145 14.49 5.00 13.67
N GLU B 146 13.70 4.24 14.43
CA GLU B 146 13.99 2.81 14.55
C GLU B 146 13.79 2.19 13.18
N ARG B 147 14.89 1.81 12.53
CA ARG B 147 14.90 1.29 11.13
C ARG B 147 14.23 2.21 10.14
N SER B 148 14.06 1.75 8.91
CA SER B 148 13.56 2.59 7.83
C SER B 148 12.80 1.76 6.80
N VAL B 149 12.21 2.48 5.86
CA VAL B 149 11.46 1.89 4.79
C VAL B 149 12.42 1.09 3.93
N TYR B 150 13.70 1.48 3.96
CA TYR B 150 14.72 0.84 3.12
C TYR B 150 15.07 -0.51 3.66
N SER B 151 15.29 -0.57 4.97
CA SER B 151 15.42 -1.84 5.71
C SER B 151 14.26 -2.82 5.49
N ASP B 152 13.00 -2.37 5.63
CA ASP B 152 11.84 -3.23 5.37
C ASP B 152 11.97 -3.95 4.01
N ARG B 153 12.35 -3.20 2.97
CA ARG B 153 12.27 -3.69 1.58
C ARG B 153 13.52 -4.45 1.15
N TYR B 154 14.68 -3.86 1.39
CA TYR B 154 15.95 -4.38 0.92
C TYR B 154 16.64 -5.33 1.89
N ILE B 155 16.15 -5.41 3.13
CA ILE B 155 16.61 -6.47 4.04
C ILE B 155 15.52 -7.54 4.25
N PHE B 156 14.53 -7.24 5.10
CA PHE B 156 13.51 -8.21 5.44
C PHE B 156 12.67 -8.70 4.24
N ALA B 157 11.98 -7.80 3.53
CA ALA B 157 11.13 -8.27 2.40
C ALA B 157 11.92 -9.00 1.31
N SER B 158 13.12 -8.51 1.03
CA SER B 158 14.03 -9.13 0.06
C SER B 158 14.49 -10.51 0.54
N ASN B 159 14.82 -10.59 1.81
CA ASN B 159 15.17 -11.87 2.42
C ASN B 159 14.05 -12.91 2.32
N LEU B 160 12.83 -12.51 2.68
CA LEU B 160 11.71 -13.44 2.64
C LEU B 160 11.48 -13.93 1.23
N TYR B 161 11.58 -13.03 0.27
CA TYR B 161 11.58 -13.44 -1.12
C TYR B 161 12.66 -14.49 -1.41
N GLU B 162 13.92 -14.19 -1.10
N GLU B 162 13.94 -14.20 -1.14
CA GLU B 162 15.06 -15.08 -1.31
CA GLU B 162 15.00 -15.19 -1.42
C GLU B 162 14.95 -16.47 -0.65
C GLU B 162 14.78 -16.55 -0.77
N SER B 163 14.12 -16.56 0.38
CA SER B 163 13.81 -17.80 1.08
C SER B 163 12.53 -18.47 0.56
N GLU B 164 11.85 -17.82 -0.38
CA GLU B 164 10.63 -18.38 -0.94
C GLU B 164 9.36 -18.23 -0.06
N SER B 165 9.39 -17.31 0.91
CA SER B 165 8.20 -16.95 1.69
C SER B 165 7.33 -15.88 1.03
N MET B 166 7.82 -15.33 -0.08
CA MET B 166 7.04 -14.50 -0.98
C MET B 166 7.27 -15.07 -2.35
N ASN B 167 6.23 -15.18 -3.16
CA ASN B 167 6.46 -15.62 -4.54
C ASN B 167 6.79 -14.45 -5.45
N GLU B 168 6.92 -14.68 -6.76
CA GLU B 168 7.28 -13.61 -7.69
C GLU B 168 6.21 -12.51 -7.74
N THR B 169 4.94 -12.92 -7.68
CA THR B 169 3.80 -12.02 -7.75
C THR B 169 3.71 -11.12 -6.53
N GLU B 170 3.65 -11.73 -5.35
CA GLU B 170 3.72 -11.03 -4.07
C GLU B 170 4.84 -9.99 -4.00
N TRP B 171 6.03 -10.38 -4.43
CA TRP B 171 7.25 -9.56 -4.40
C TRP B 171 7.11 -8.34 -5.29
N THR B 172 6.74 -8.60 -6.53
CA THR B 172 6.47 -7.57 -7.52
C THR B 172 5.42 -6.57 -7.02
N ILE B 173 4.31 -7.09 -6.48
CA ILE B 173 3.30 -6.20 -5.91
C ILE B 173 3.95 -5.43 -4.76
N TYR B 174 4.63 -6.14 -3.86
CA TYR B 174 5.28 -5.43 -2.73
C TYR B 174 6.24 -4.32 -3.20
N GLN B 175 7.03 -4.56 -4.24
CA GLN B 175 7.91 -3.50 -4.77
C GLN B 175 7.17 -2.35 -5.41
N ASP B 176 5.99 -2.62 -5.94
CA ASP B 176 5.29 -1.60 -6.73
C ASP B 176 4.58 -0.69 -5.78
N TRP B 177 4.10 -1.26 -4.67
CA TRP B 177 3.50 -0.54 -3.58
C TRP B 177 4.56 0.31 -2.83
N HIS B 178 5.68 -0.33 -2.45
CA HIS B 178 6.82 0.38 -1.89
C HIS B 178 7.22 1.56 -2.76
N ASP B 179 7.44 1.33 -4.07
CA ASP B 179 7.82 2.43 -5.00
C ASP B 179 6.82 3.59 -4.92
N TRP B 180 5.54 3.30 -5.12
CA TRP B 180 4.52 4.34 -5.10
C TRP B 180 4.41 4.99 -3.75
N MET B 181 4.16 4.19 -2.71
CA MET B 181 4.02 4.68 -1.35
C MET B 181 5.09 5.72 -1.02
N ASN B 182 6.32 5.37 -1.37
CA ASN B 182 7.51 6.16 -1.14
C ASN B 182 7.72 7.33 -2.12
N ASN B 183 7.12 7.27 -3.31
CA ASN B 183 7.22 8.36 -4.27
C ASN B 183 6.30 9.53 -3.89
N GLN B 184 5.30 9.26 -3.06
CA GLN B 184 4.40 10.32 -2.57
C GLN B 184 5.07 11.19 -1.50
N PHE B 185 5.97 10.56 -0.76
CA PHE B 185 6.65 11.19 0.36
C PHE B 185 8.13 11.24 0.02
N GLY B 186 8.86 10.16 0.29
CA GLY B 186 10.28 10.07 -0.11
C GLY B 186 11.11 11.27 0.31
N GLN B 187 11.08 12.32 -0.53
CA GLN B 187 11.66 13.63 -0.23
C GLN B 187 11.34 14.06 1.21
N SER B 188 10.16 13.67 1.69
CA SER B 188 9.72 14.02 3.03
C SER B 188 10.40 13.19 4.11
N LEU B 189 10.59 11.89 3.89
CA LEU B 189 11.24 11.04 4.87
C LEU B 189 12.70 10.63 4.53
N GLU B 190 13.37 11.39 3.67
CA GLU B 190 14.75 11.06 3.30
C GLU B 190 15.75 11.24 4.45
N LEU B 191 16.65 10.27 4.56
CA LEU B 191 17.59 10.24 5.67
C LEU B 191 18.77 11.12 5.37
N ASP B 192 19.31 11.67 6.47
CA ASP B 192 20.45 12.54 6.44
C ASP B 192 21.67 11.75 6.92
N GLY B 193 21.39 10.60 7.54
CA GLY B 193 22.41 9.70 8.12
C GLY B 193 21.87 8.34 8.59
N ILE B 194 22.77 7.37 8.71
CA ILE B 194 22.40 6.07 9.25
C ILE B 194 23.34 5.68 10.39
N ILE B 195 22.79 5.12 11.47
CA ILE B 195 23.62 4.51 12.52
C ILE B 195 23.40 2.99 12.55
N TYR B 196 24.38 2.29 12.01
CA TYR B 196 24.40 0.83 11.93
C TYR B 196 24.94 0.23 13.21
N LEU B 197 24.05 -0.24 14.09
CA LEU B 197 24.44 -0.96 15.31
C LEU B 197 24.82 -2.36 14.91
N GLN B 198 26.09 -2.70 15.10
CA GLN B 198 26.61 -3.94 14.56
C GLN B 198 26.88 -4.87 15.72
N ALA B 199 26.22 -6.02 15.69
CA ALA B 199 26.37 -7.09 16.67
C ALA B 199 26.32 -8.40 15.89
N THR B 200 27.03 -9.43 16.34
CA THR B 200 27.06 -10.71 15.62
C THR B 200 25.70 -11.38 15.72
N PRO B 201 25.43 -12.32 14.81
CA PRO B 201 24.33 -13.23 14.93
C PRO B 201 24.15 -13.88 16.29
N GLU B 202 25.24 -14.35 16.90
CA GLU B 202 25.13 -15.02 18.21
C GLU B 202 24.83 -14.12 19.39
N THR B 203 25.48 -12.95 19.46
CA THR B 203 25.06 -11.87 20.33
C THR B 203 23.55 -11.61 20.23
N CYS B 204 23.09 -11.53 18.99
CA CYS B 204 21.71 -11.27 18.67
C CYS B 204 20.80 -12.45 19.02
N LEU B 205 21.30 -13.68 18.93
CA LEU B 205 20.49 -14.82 19.40
C LEU B 205 20.36 -14.82 20.92
N HIS B 206 21.45 -14.51 21.61
CA HIS B 206 21.44 -14.42 23.07
C HIS B 206 20.42 -13.37 23.54
N ARG B 207 20.58 -12.14 23.05
CA ARG B 207 19.67 -11.02 23.33
C ARG B 207 18.18 -11.22 23.03
N ILE B 208 17.85 -11.98 21.99
CA ILE B 208 16.46 -12.38 21.73
C ILE B 208 15.91 -13.18 22.93
N TYR B 209 16.74 -14.07 23.46
CA TYR B 209 16.38 -14.85 24.62
C TYR B 209 16.27 -13.96 25.88
N LEU B 210 17.08 -12.89 25.97
CA LEU B 210 17.07 -11.96 27.11
C LEU B 210 15.82 -11.11 27.14
N ARG B 211 15.37 -10.67 25.97
CA ARG B 211 14.16 -9.88 25.84
C ARG B 211 12.91 -10.71 26.09
N GLY B 212 12.91 -11.97 25.67
CA GLY B 212 11.91 -12.94 26.09
C GLY B 212 10.56 -12.90 25.41
N ARG B 213 10.44 -12.06 24.38
CA ARG B 213 9.26 -11.99 23.51
C ARG B 213 8.90 -13.39 22.97
N ASN B 214 7.66 -13.82 23.20
CA ASN B 214 7.20 -15.19 22.86
C ASN B 214 7.30 -15.60 21.38
N GLU B 215 7.00 -14.67 20.49
CA GLU B 215 6.98 -14.90 19.04
C GLU B 215 8.36 -15.13 18.40
N GLU B 216 9.42 -14.76 19.09
CA GLU B 216 10.75 -14.73 18.47
C GLU B 216 11.65 -15.84 18.97
N GLN B 217 11.12 -16.65 19.88
CA GLN B 217 11.93 -17.66 20.56
C GLN B 217 12.35 -18.78 19.62
N GLY B 218 11.55 -19.00 18.58
CA GLY B 218 11.83 -20.01 17.57
C GLY B 218 12.82 -19.61 16.48
N ILE B 219 13.11 -18.31 16.37
CA ILE B 219 13.95 -17.82 15.26
C ILE B 219 15.26 -18.58 15.28
N PRO B 220 15.59 -19.27 14.17
CA PRO B 220 16.87 -19.97 14.14
C PRO B 220 17.98 -18.98 13.86
N LEU B 221 19.16 -19.23 14.44
CA LEU B 221 20.40 -18.52 14.09
C LEU B 221 20.57 -18.24 12.57
N GLU B 222 20.35 -19.25 11.74
CA GLU B 222 20.53 -19.12 10.27
C GLU B 222 19.69 -18.00 9.65
N TYR B 223 18.59 -17.63 10.31
CA TYR B 223 17.74 -16.53 9.88
C TYR B 223 18.52 -15.25 10.15
N LEU B 224 19.04 -15.18 11.37
CA LEU B 224 19.80 -14.05 11.81
C LEU B 224 21.12 -13.85 11.01
N GLU B 225 21.84 -14.93 10.69
CA GLU B 225 23.05 -14.84 9.84
C GLU B 225 22.70 -14.22 8.51
N LYS B 226 21.61 -14.69 7.90
CA LYS B 226 21.10 -14.12 6.65
C LYS B 226 20.92 -12.63 6.76
N LEU B 227 20.08 -12.21 7.69
CA LEU B 227 19.80 -10.78 7.86
C LEU B 227 21.07 -9.98 8.15
N HIS B 228 22.01 -10.62 8.82
CA HIS B 228 23.30 -10.06 9.15
C HIS B 228 24.08 -9.82 7.87
N TYR B 229 24.09 -10.79 6.95
CA TYR B 229 24.75 -10.62 5.62
C TYR B 229 24.16 -9.50 4.76
N LYS B 230 22.85 -9.29 4.85
CA LYS B 230 22.19 -8.20 4.13
C LYS B 230 22.56 -6.84 4.68
N HIS B 231 22.70 -6.73 5.99
CA HIS B 231 23.05 -5.48 6.63
C HIS B 231 24.48 -5.12 6.38
N GLU B 232 25.36 -6.12 6.32
CA GLU B 232 26.78 -5.88 6.04
C GLU B 232 26.92 -5.47 4.59
N SER B 233 26.19 -6.13 3.71
CA SER B 233 26.28 -5.80 2.29
C SER B 233 25.76 -4.40 1.98
N TRP B 234 24.69 -4.00 2.65
CA TRP B 234 24.07 -2.71 2.41
C TRP B 234 24.89 -1.60 3.00
N LEU B 235 25.33 -1.80 4.24
CA LEU B 235 25.82 -0.73 5.08
C LEU B 235 27.32 -0.73 5.30
N LEU B 236 27.98 -1.86 5.07
CA LEU B 236 29.42 -1.96 5.35
C LEU B 236 30.26 -2.15 4.08
N HIS B 237 29.79 -3.00 3.17
CA HIS B 237 30.46 -3.19 1.90
C HIS B 237 29.82 -2.27 0.86
N ARG B 238 28.58 -1.86 1.14
CA ARG B 238 27.87 -0.91 0.30
C ARG B 238 27.69 -1.43 -1.13
N THR B 239 27.44 -2.74 -1.25
CA THR B 239 27.28 -3.38 -2.57
C THR B 239 25.83 -3.58 -2.97
N LEU B 240 24.91 -3.37 -2.04
CA LEU B 240 23.50 -3.57 -2.33
C LEU B 240 22.93 -2.33 -2.98
N LYS B 241 22.22 -2.54 -4.10
CA LYS B 241 21.63 -1.43 -4.85
C LYS B 241 20.13 -1.22 -4.60
N THR B 242 19.82 -0.06 -4.03
CA THR B 242 18.44 0.39 -3.93
C THR B 242 18.21 1.39 -5.07
N ASN B 243 16.99 1.42 -5.61
CA ASN B 243 16.61 2.50 -6.54
C ASN B 243 16.23 3.82 -5.85
N PHE B 244 17.04 4.18 -4.85
CA PHE B 244 17.03 5.48 -4.20
C PHE B 244 18.49 5.90 -4.15
N ASP B 245 18.92 6.64 -5.17
CA ASP B 245 20.35 6.84 -5.44
C ASP B 245 21.01 7.89 -4.52
N TYR B 246 20.21 8.59 -3.74
CA TYR B 246 20.73 9.53 -2.75
C TYR B 246 21.30 8.78 -1.56
N LEU B 247 20.80 7.56 -1.35
CA LEU B 247 21.24 6.71 -0.26
C LEU B 247 22.70 6.29 -0.43
N GLN B 248 23.21 6.42 -1.64
CA GLN B 248 24.60 6.10 -1.92
C GLN B 248 25.54 7.22 -1.42
N GLU B 249 24.98 8.40 -1.17
CA GLU B 249 25.76 9.49 -0.59
C GLU B 249 25.34 9.82 0.84
N VAL B 250 24.58 8.91 1.46
CA VAL B 250 24.25 9.06 2.88
C VAL B 250 25.39 8.51 3.74
N PRO B 251 25.88 9.31 4.71
CA PRO B 251 26.85 8.86 5.70
C PRO B 251 26.31 7.77 6.65
N ILE B 252 27.23 6.89 7.09
CA ILE B 252 26.91 5.76 7.96
C ILE B 252 27.89 5.61 9.13
N LEU B 253 27.39 5.78 10.36
CA LEU B 253 28.20 5.49 11.53
C LEU B 253 28.00 4.03 11.90
N THR B 254 29.08 3.25 11.83
CA THR B 254 29.02 1.88 12.28
C THR B 254 29.46 1.83 13.70
N LEU B 255 28.76 1.05 14.51
CA LEU B 255 29.09 0.90 15.93
C LEU B 255 29.04 -0.56 16.34
N ASP B 256 30.08 -1.03 17.01
CA ASP B 256 30.10 -2.37 17.54
C ASP B 256 29.40 -2.33 18.90
N VAL B 257 28.38 -3.17 19.08
CA VAL B 257 27.54 -3.17 20.28
C VAL B 257 27.41 -4.60 20.79
N ASN B 258 28.40 -5.40 20.44
CA ASN B 258 28.51 -6.80 20.86
C ASN B 258 28.81 -6.97 22.32
N GLU B 259 29.48 -5.98 22.90
CA GLU B 259 29.81 -6.08 24.30
C GLU B 259 28.58 -5.76 25.16
N ASP B 260 28.64 -6.17 26.42
CA ASP B 260 27.63 -5.90 27.41
C ASP B 260 27.61 -4.40 27.62
N PHE B 261 26.45 -3.82 27.85
CA PHE B 261 26.42 -2.36 28.03
C PHE B 261 27.07 -1.82 29.31
N LYS B 262 27.33 -2.71 30.28
CA LYS B 262 28.14 -2.42 31.48
C LYS B 262 29.55 -1.94 31.09
N ASP B 263 30.05 -2.46 29.96
CA ASP B 263 31.35 -2.10 29.36
C ASP B 263 31.16 -0.95 28.34
N LYS B 264 32.21 -0.73 27.53
CA LYS B 264 32.29 0.16 26.33
C LYS B 264 31.15 1.11 25.88
N TYR B 265 29.91 0.76 26.22
CA TYR B 265 28.68 1.33 25.65
C TYR B 265 28.49 2.84 25.67
N ALA B 266 28.68 3.47 26.82
CA ALA B 266 28.36 4.89 26.91
C ALA B 266 29.21 5.72 25.97
N SER B 267 30.45 5.30 25.73
CA SER B 267 31.33 5.97 24.78
C SER B 267 30.73 6.06 23.37
N LEU B 268 29.98 5.03 22.98
CA LEU B 268 29.28 5.01 21.69
C LEU B 268 28.45 6.28 21.51
N VAL B 269 27.74 6.67 22.56
CA VAL B 269 26.83 7.83 22.53
C VAL B 269 27.58 9.14 22.32
N GLU B 270 28.83 9.19 22.76
CA GLU B 270 29.71 10.33 22.57
C GLU B 270 30.08 10.43 21.07
N LYS B 271 30.33 9.28 20.43
CA LYS B 271 30.57 9.22 18.99
C LYS B 271 29.37 9.72 18.17
N VAL B 272 28.15 9.55 18.70
CA VAL B 272 26.93 9.93 17.99
C VAL B 272 26.72 11.45 17.98
N LYS B 273 26.84 12.07 19.15
CA LYS B 273 26.92 13.52 19.26
C LYS B 273 27.91 14.06 18.23
N GLU B 274 29.03 13.35 18.06
CA GLU B 274 30.01 13.72 17.05
C GLU B 274 29.49 13.59 15.60
N PHE B 275 29.05 12.38 15.23
CA PHE B 275 28.51 12.09 13.90
C PHE B 275 27.55 13.17 13.45
N LEU B 276 26.66 13.59 14.35
CA LEU B 276 25.70 14.67 14.08
C LEU B 276 26.25 16.09 14.21
N SER B 277 27.55 16.28 14.15
CA SER B 277 28.10 17.63 14.05
C SER B 277 28.31 17.94 12.57
N THR B 278 28.76 16.94 11.83
CA THR B 278 29.10 17.04 10.42
C THR B 278 27.91 17.16 9.47
N LEU B 279 26.70 16.97 9.99
CA LEU B 279 25.51 16.85 9.15
C LEU B 279 24.87 18.21 8.82
PB ADP C . -17.67 -3.42 -17.32
O1B ADP C . -16.80 -2.32 -17.83
O2B ADP C . -18.75 -2.91 -16.38
O3B ADP C . -16.95 -4.63 -16.78
PA ADP C . -17.86 -3.88 -20.19
O1A ADP C . -18.16 -2.60 -20.91
O2A ADP C . -16.47 -4.45 -20.17
O3A ADP C . -18.43 -3.93 -18.66
O5' ADP C . -18.87 -4.82 -21.01
C5' ADP C . -18.95 -6.21 -20.79
C4' ADP C . -19.40 -6.84 -22.12
O4' ADP C . -20.80 -6.57 -22.42
C3' ADP C . -18.58 -6.36 -23.30
O3' ADP C . -18.59 -7.43 -24.22
C2' ADP C . -19.46 -5.34 -23.95
O2' ADP C . -19.22 -5.32 -25.33
C1' ADP C . -20.88 -5.89 -23.68
N9 ADP C . -21.90 -4.83 -23.52
C8 ADP C . -21.85 -3.71 -22.76
N7 ADP C . -23.01 -3.01 -22.81
C5 ADP C . -23.82 -3.73 -23.60
C6 ADP C . -25.20 -3.55 -24.04
N6 ADP C . -25.80 -2.52 -23.62
N1 ADP C . -25.74 -4.45 -24.84
C2 ADP C . -25.05 -5.67 -25.31
N3 ADP C . -23.68 -5.79 -24.83
C4 ADP C . -23.13 -4.85 -24.01
O5' 3D1 D . -12.34 -4.98 -12.92
C5' 3D1 D . -13.27 -5.95 -13.42
C4' 3D1 D . -12.80 -7.34 -13.01
O4' 3D1 D . -11.93 -7.31 -11.88
C1' 3D1 D . -12.67 -7.68 -10.71
N9 3D1 D . -12.56 -6.55 -9.79
C4 3D1 D . -12.41 -6.74 -8.49
N3 3D1 D . -12.37 -7.90 -7.74
C2 3D1 D . -12.21 -7.85 -6.30
N1 3D1 D . -12.09 -6.49 -5.75
C6 3D1 D . -12.14 -5.37 -6.51
N6 3D1 D . -12.03 -4.12 -6.00
C5 3D1 D . -12.30 -5.48 -7.94
N7 3D1 D . -12.37 -4.56 -8.92
C8 3D1 D . -12.54 -5.25 -10.07
C2' 3D1 D . -14.10 -7.97 -11.10
C3' 3D1 D . -13.95 -8.23 -12.59
O3' 3D1 D . -13.53 -9.60 -12.77
PB ADP E . 16.00 -4.21 19.18
O1B ADP E . 15.07 -3.11 19.60
O2B ADP E . 17.10 -3.72 18.26
O3B ADP E . 15.31 -5.47 18.73
PA ADP E . 16.54 -4.17 22.05
O1A ADP E . 17.07 -2.77 22.32
O2A ADP E . 15.13 -4.56 22.40
O3A ADP E . 16.86 -4.58 20.50
O5' ADP E . 17.57 -5.17 22.79
C5' ADP E . 17.36 -6.57 22.87
C4' ADP E . 17.59 -7.06 24.31
O4' ADP E . 18.98 -7.07 24.65
C3' ADP E . 16.92 -6.18 25.37
O3' ADP E . 16.71 -6.98 26.52
C2' ADP E . 18.01 -5.25 25.84
O2' ADP E . 17.82 -4.92 27.22
C1' ADP E . 19.26 -6.11 25.68
N9 ADP E . 20.46 -5.38 25.25
C8 ADP E . 20.57 -4.52 24.22
N7 ADP E . 21.84 -4.06 24.13
C5 ADP E . 22.55 -4.67 25.08
C6 ADP E . 23.97 -4.64 25.50
N6 ADP E . 24.79 -3.91 24.88
N1 ADP E . 24.34 -5.38 26.52
C2 ADP E . 23.43 -6.25 27.26
N3 ADP E . 22.07 -6.22 26.79
C4 ADP E . 21.68 -5.46 25.74
O5' 3D1 F . 11.10 -5.40 15.18
C5' 3D1 F . 10.99 -6.43 16.19
C4' 3D1 F . 10.48 -7.69 15.53
O4' 3D1 F . 9.79 -7.42 14.29
C1' 3D1 F . 10.52 -7.95 13.18
N9 3D1 F . 10.47 -7.04 12.02
C4 3D1 F . 10.27 -7.41 10.77
N3 3D1 F . 10.08 -8.63 10.21
C2 3D1 F . 9.88 -8.81 8.78
N1 3D1 F . 9.89 -7.55 8.02
C6 3D1 F . 10.10 -6.34 8.58
N6 3D1 F . 10.11 -5.17 7.88
C5 3D1 F . 10.30 -6.27 10.01
N7 3D1 F . 10.49 -5.21 10.78
C8 3D1 F . 10.61 -5.71 12.03
C2' 3D1 F . 11.95 -8.16 13.72
C3' 3D1 F . 11.66 -8.54 15.16
O3' 3D1 F . 11.18 -9.88 15.16
#